data_3ICC
#
_entry.id   3ICC
#
_cell.length_a   98.734
_cell.length_b   104.835
_cell.length_c   103.684
_cell.angle_alpha   90.00
_cell.angle_beta   90.00
_cell.angle_gamma   90.00
#
_symmetry.space_group_name_H-M   'C 2 2 21'
#
loop_
_entity.id
_entity.type
_entity.pdbx_description
1 polymer 'Putative 3-oxoacyl-(acyl carrier protein) reductase'
2 non-polymer 'CHLORIDE ION'
3 non-polymer 'NADP NICOTINAMIDE-ADENINE-DINUCLEOTIDE PHOSPHATE'
4 non-polymer 'SULFATE ION'
5 non-polymer '2-(N-MORPHOLINO)-ETHANESULFONIC ACID'
6 water water
#
_entity_poly.entity_id   1
_entity_poly.type   'polypeptide(L)'
_entity_poly.pdbx_seq_one_letter_code
;ANS(MSE)LKGKVALVTGASRGIGRAIAKRLANDGALVAIHYGNRKEEAEETVYEIQSNGGSAFSIGANLESLHGVEALY
SSLDNELQNRTGSTKFDILINNAGIGPGAFIEETTEQFFDR(MSE)VSVNAKAPFFIIQQALSRLRDNSRIINISSAATR
ISLPDFIAYS(MSE)TKGAINT(MSE)TFTLAKQLGARGITVNAILPGFVKTD(MSE)NAELLSDP(MSE)(MSE)KQYA
TTISAFNRLGEVEDIADTAAFLASPDSRWVTGQLIDVSGGSCL
;
_entity_poly.pdbx_strand_id   A,B
#
# COMPACT_ATOMS: atom_id res chain seq x y z
N ALA A 1 3.34 -7.97 19.60
CA ALA A 1 2.56 -8.96 18.81
C ALA A 1 1.42 -8.23 18.09
N ASN A 2 1.30 -8.48 16.79
CA ASN A 2 0.20 -7.96 16.00
C ASN A 2 -1.11 -8.68 16.32
N SER A 3 -2.17 -7.88 16.51
CA SER A 3 -3.57 -8.34 16.70
C SER A 3 -4.50 -7.51 15.79
N LEU A 5 -5.93 -8.14 13.08
CA LEU A 5 -7.07 -8.82 12.46
C LEU A 5 -7.87 -9.67 13.46
N LYS A 6 -7.71 -9.38 14.75
CA LYS A 6 -8.44 -10.11 15.78
C LYS A 6 -9.93 -10.06 15.44
N GLY A 7 -10.60 -11.20 15.54
CA GLY A 7 -12.05 -11.30 15.29
C GLY A 7 -12.41 -11.48 13.82
N LYS A 8 -11.43 -11.28 12.92
CA LYS A 8 -11.63 -11.37 11.48
C LYS A 8 -11.57 -12.80 10.92
N VAL A 9 -12.32 -13.01 9.84
CA VAL A 9 -12.32 -14.28 9.15
C VAL A 9 -11.91 -14.09 7.69
N ALA A 10 -10.94 -14.89 7.27
CA ALA A 10 -10.39 -14.79 5.95
C ALA A 10 -10.41 -16.11 5.16
N LEU A 11 -10.66 -15.98 3.87
CA LEU A 11 -10.50 -17.09 2.94
C LEU A 11 -9.35 -16.76 2.00
N VAL A 12 -8.36 -17.66 1.91
CA VAL A 12 -7.29 -17.56 0.95
C VAL A 12 -7.35 -18.74 -0.02
N THR A 13 -7.53 -18.46 -1.32
CA THR A 13 -7.63 -19.53 -2.33
C THR A 13 -6.24 -19.98 -2.78
N GLY A 14 -6.12 -21.25 -3.18
CA GLY A 14 -4.83 -21.83 -3.56
C GLY A 14 -3.69 -21.61 -2.61
N ALA A 15 -3.90 -21.92 -1.35
CA ALA A 15 -2.93 -21.60 -0.35
C ALA A 15 -2.12 -22.78 0.20
N SER A 16 -2.08 -23.89 -0.52
CA SER A 16 -1.22 -25.04 -0.20
C SER A 16 0.25 -24.69 -0.10
N ARG A 17 0.69 -23.78 -0.96
CA ARG A 17 2.13 -23.43 -1.05
C ARG A 17 2.31 -22.03 -1.61
N GLY A 18 3.56 -21.62 -1.76
CA GLY A 18 3.89 -20.34 -2.37
C GLY A 18 3.30 -19.15 -1.67
N ILE A 19 2.84 -18.21 -2.49
CA ILE A 19 2.39 -16.93 -1.98
C ILE A 19 1.15 -17.14 -1.09
N GLY A 20 0.22 -17.99 -1.56
CA GLY A 20 -1.04 -18.23 -0.80
C GLY A 20 -0.78 -18.73 0.61
N ARG A 21 0.14 -19.68 0.73
CA ARG A 21 0.48 -20.19 2.02
C ARG A 21 1.09 -19.09 2.92
N ALA A 22 1.91 -18.21 2.35
CA ALA A 22 2.55 -17.16 3.13
C ALA A 22 1.54 -16.15 3.61
N ILE A 23 0.58 -15.80 2.75
CA ILE A 23 -0.51 -14.88 3.11
C ILE A 23 -1.32 -15.50 4.23
N ALA A 24 -1.71 -16.77 4.10
CA ALA A 24 -2.42 -17.47 5.16
C ALA A 24 -1.68 -17.44 6.50
N LYS A 25 -0.39 -17.73 6.50
CA LYS A 25 0.39 -17.67 7.76
C LYS A 25 0.39 -16.27 8.38
N ARG A 26 0.58 -15.25 7.55
CA ARG A 26 0.67 -13.90 8.00
C ARG A 26 -0.65 -13.41 8.57
N LEU A 27 -1.74 -13.66 7.81
CA LEU A 27 -3.08 -13.26 8.29
C LEU A 27 -3.44 -13.90 9.63
N ALA A 28 -3.15 -15.20 9.77
CA ALA A 28 -3.33 -15.92 11.04
C ALA A 28 -2.47 -15.39 12.17
N ASN A 29 -1.23 -14.98 11.85
CA ASN A 29 -0.32 -14.36 12.83
C ASN A 29 -0.91 -13.06 13.35
N ASP A 30 -1.69 -12.36 12.53
CA ASP A 30 -2.27 -11.08 12.90
C ASP A 30 -3.65 -11.22 13.58
N GLY A 31 -4.08 -12.45 13.82
CA GLY A 31 -5.27 -12.75 14.60
C GLY A 31 -6.48 -13.29 13.84
N ALA A 32 -6.41 -13.35 12.50
CA ALA A 32 -7.53 -13.84 11.69
C ALA A 32 -7.75 -15.36 11.78
N LEU A 33 -9.02 -15.77 11.78
CA LEU A 33 -9.33 -17.17 11.46
C LEU A 33 -9.17 -17.37 9.94
N VAL A 34 -8.33 -18.32 9.56
CA VAL A 34 -8.00 -18.48 8.14
C VAL A 34 -8.45 -19.81 7.53
N ALA A 35 -9.35 -19.72 6.56
CA ALA A 35 -9.70 -20.85 5.68
C ALA A 35 -8.65 -20.97 4.56
N ILE A 36 -7.94 -22.08 4.58
CA ILE A 36 -6.89 -22.39 3.63
C ILE A 36 -7.39 -23.33 2.54
N HIS A 37 -7.71 -22.76 1.37
CA HIS A 37 -8.30 -23.55 0.30
C HIS A 37 -7.18 -24.25 -0.47
N TYR A 38 -7.45 -25.45 -0.97
CA TYR A 38 -6.50 -26.17 -1.84
C TYR A 38 -7.28 -26.86 -2.94
N GLY A 39 -6.60 -27.06 -4.07
CA GLY A 39 -7.23 -27.52 -5.29
C GLY A 39 -7.11 -29.00 -5.53
N ASN A 40 -6.12 -29.67 -4.93
CA ASN A 40 -5.96 -31.10 -5.16
C ASN A 40 -5.78 -31.89 -3.87
N ARG A 41 -4.54 -32.07 -3.44
CA ARG A 41 -4.30 -32.89 -2.27
C ARG A 41 -4.08 -32.04 -1.02
N LYS A 42 -4.65 -32.52 0.07
CA LYS A 42 -4.78 -31.75 1.28
C LYS A 42 -3.50 -31.62 2.07
N GLU A 43 -2.47 -32.42 1.78
CA GLU A 43 -1.41 -32.61 2.77
C GLU A 43 -0.60 -31.35 3.06
N GLU A 44 -0.26 -30.62 2.01
CA GLU A 44 0.38 -29.32 2.11
C GLU A 44 -0.44 -28.34 2.96
N ALA A 45 -1.74 -28.26 2.68
CA ALA A 45 -2.63 -27.33 3.39
C ALA A 45 -2.73 -27.73 4.87
N GLU A 46 -2.88 -29.03 5.13
CA GLU A 46 -2.96 -29.51 6.51
C GLU A 46 -1.67 -29.20 7.28
N GLU A 47 -0.50 -29.26 6.61
CA GLU A 47 0.77 -28.96 7.28
C GLU A 47 0.90 -27.47 7.65
N THR A 48 0.47 -26.60 6.74
CA THR A 48 0.32 -25.18 7.01
C THR A 48 -0.61 -24.95 8.19
N VAL A 49 -1.77 -25.62 8.19
CA VAL A 49 -2.66 -25.54 9.36
C VAL A 49 -1.93 -25.90 10.66
N TYR A 50 -1.20 -27.02 10.65
CA TYR A 50 -0.47 -27.43 11.83
C TYR A 50 0.52 -26.33 12.26
N GLU A 51 1.23 -25.75 11.30
CA GLU A 51 2.25 -24.73 11.59
C GLU A 51 1.64 -23.47 12.20
N ILE A 52 0.52 -23.03 11.63
CA ILE A 52 -0.22 -21.88 12.16
C ILE A 52 -0.68 -22.13 13.58
N GLN A 53 -1.27 -23.30 13.79
CA GLN A 53 -1.74 -23.67 15.12
C GLN A 53 -0.60 -23.77 16.12
N SER A 54 0.56 -24.30 15.71
CA SER A 54 1.72 -24.37 16.62
C SER A 54 2.18 -22.98 17.04
N ASN A 55 2.01 -21.99 16.17
CA ASN A 55 2.35 -20.61 16.51
C ASN A 55 1.22 -19.83 17.21
N GLY A 56 0.17 -20.52 17.60
CA GLY A 56 -0.90 -19.90 18.38
C GLY A 56 -2.08 -19.39 17.57
N GLY A 57 -2.08 -19.66 16.26
CA GLY A 57 -3.11 -19.12 15.39
C GLY A 57 -4.22 -20.14 15.12
N SER A 58 -5.24 -19.69 14.41
CA SER A 58 -6.43 -20.49 14.06
C SER A 58 -6.60 -20.59 12.54
N ALA A 59 -6.77 -21.81 12.06
CA ALA A 59 -6.94 -22.06 10.63
C ALA A 59 -7.53 -23.45 10.40
N PHE A 60 -8.06 -23.65 9.19
CA PHE A 60 -8.54 -24.96 8.73
C PHE A 60 -8.44 -25.00 7.22
N SER A 61 -8.51 -26.21 6.64
CA SER A 61 -8.37 -26.35 5.20
C SER A 61 -9.67 -26.78 4.56
N ILE A 62 -9.88 -26.40 3.29
CA ILE A 62 -11.06 -26.79 2.49
C ILE A 62 -10.62 -27.06 1.07
N GLY A 63 -11.06 -28.18 0.51
CA GLY A 63 -10.63 -28.61 -0.81
C GLY A 63 -11.70 -28.27 -1.81
N ALA A 64 -11.31 -27.75 -2.95
CA ALA A 64 -12.25 -27.53 -4.06
C ALA A 64 -11.47 -27.36 -5.34
N ASN A 65 -11.89 -28.02 -6.40
CA ASN A 65 -11.22 -27.89 -7.70
C ASN A 65 -11.81 -26.72 -8.46
N LEU A 66 -11.03 -25.65 -8.63
CA LEU A 66 -11.51 -24.42 -9.25
C LEU A 66 -11.33 -24.36 -10.77
N GLU A 67 -11.13 -25.49 -11.41
CA GLU A 67 -11.08 -25.53 -12.87
C GLU A 67 -12.50 -25.42 -13.48
N SER A 68 -13.52 -25.57 -12.64
CA SER A 68 -14.92 -25.37 -13.03
C SER A 68 -15.71 -24.60 -11.99
N LEU A 69 -16.82 -24.01 -12.38
CA LEU A 69 -17.68 -23.32 -11.41
C LEU A 69 -18.33 -24.26 -10.39
N HIS A 70 -18.40 -25.54 -10.72
CA HIS A 70 -18.91 -26.50 -9.74
C HIS A 70 -18.03 -26.51 -8.48
N GLY A 71 -16.73 -26.34 -8.69
CA GLY A 71 -15.76 -26.18 -7.61
C GLY A 71 -15.98 -24.95 -6.74
N VAL A 72 -16.39 -23.86 -7.37
CA VAL A 72 -16.74 -22.64 -6.65
C VAL A 72 -17.93 -22.95 -5.74
N GLU A 73 -18.94 -23.64 -6.31
CA GLU A 73 -20.12 -24.05 -5.55
C GLU A 73 -19.70 -24.90 -4.36
N ALA A 74 -18.85 -25.89 -4.62
CA ALA A 74 -18.41 -26.77 -3.55
C ALA A 74 -17.60 -25.97 -2.49
N LEU A 75 -16.79 -25.01 -2.93
CA LEU A 75 -16.00 -24.20 -1.98
C LEU A 75 -16.92 -23.55 -0.96
N TYR A 76 -17.95 -22.88 -1.44
CA TYR A 76 -18.85 -22.16 -0.57
C TYR A 76 -19.76 -23.01 0.28
N SER A 77 -20.15 -24.17 -0.23
CA SER A 77 -20.92 -25.16 0.56
C SER A 77 -20.11 -25.63 1.80
N SER A 78 -18.84 -26.00 1.59
CA SER A 78 -17.91 -26.38 2.65
C SER A 78 -17.63 -25.19 3.58
N LEU A 79 -17.42 -24.00 3.02
CA LEU A 79 -17.06 -22.84 3.84
C LEU A 79 -18.25 -22.47 4.75
N ASP A 80 -19.45 -22.51 4.20
CA ASP A 80 -20.65 -22.23 4.99
C ASP A 80 -20.79 -23.18 6.20
N ASN A 81 -20.60 -24.47 5.95
CA ASN A 81 -20.66 -25.48 6.99
C ASN A 81 -19.61 -25.24 8.09
N GLU A 82 -18.36 -25.04 7.66
CA GLU A 82 -17.25 -24.82 8.57
C GLU A 82 -17.44 -23.56 9.39
N LEU A 83 -17.77 -22.46 8.73
CA LEU A 83 -17.90 -21.18 9.42
C LEU A 83 -19.07 -21.18 10.37
N GLN A 84 -20.22 -21.73 9.95
CA GLN A 84 -21.37 -21.75 10.84
C GLN A 84 -21.04 -22.45 12.17
N ASN A 85 -20.37 -23.59 12.08
CA ASN A 85 -20.01 -24.30 13.29
C ASN A 85 -18.92 -23.61 14.10
N ARG A 86 -17.92 -23.04 13.41
CA ARG A 86 -16.77 -22.39 14.08
C ARG A 86 -17.08 -21.02 14.66
N THR A 87 -18.02 -20.32 14.06
CA THR A 87 -18.21 -18.90 14.38
C THR A 87 -19.67 -18.50 14.59
N GLY A 88 -20.60 -19.40 14.31
CA GLY A 88 -22.04 -19.06 14.45
C GLY A 88 -22.65 -18.31 13.28
N SER A 89 -21.90 -18.20 12.20
CA SER A 89 -22.24 -17.36 11.08
C SER A 89 -21.59 -17.89 9.81
N THR A 90 -22.19 -17.63 8.67
CA THR A 90 -21.55 -17.91 7.35
C THR A 90 -20.81 -16.67 6.80
N LYS A 91 -20.75 -15.60 7.57
CA LYS A 91 -20.20 -14.34 7.10
C LYS A 91 -18.70 -14.33 7.28
N PHE A 92 -18.02 -13.60 6.42
CA PHE A 92 -16.60 -13.38 6.63
C PHE A 92 -16.13 -11.98 6.17
N ASP A 93 -14.82 -11.73 6.30
CA ASP A 93 -14.27 -10.38 6.27
C ASP A 93 -13.24 -10.09 5.19
N ILE A 94 -12.51 -11.12 4.77
CA ILE A 94 -11.31 -10.92 3.98
C ILE A 94 -11.29 -12.03 2.95
N LEU A 95 -11.23 -11.67 1.68
CA LEU A 95 -11.16 -12.62 0.56
C LEU A 95 -9.89 -12.37 -0.22
N ILE A 96 -9.04 -13.39 -0.31
CA ILE A 96 -7.81 -13.30 -1.07
C ILE A 96 -7.92 -14.28 -2.26
N ASN A 97 -8.05 -13.72 -3.45
CA ASN A 97 -8.08 -14.51 -4.69
C ASN A 97 -6.65 -14.72 -5.16
N ASN A 98 -6.05 -15.80 -4.65
CA ASN A 98 -4.66 -16.13 -5.00
C ASN A 98 -4.55 -17.29 -5.99
N ALA A 99 -5.50 -18.22 -5.94
CA ALA A 99 -5.50 -19.44 -6.76
C ALA A 99 -5.28 -19.07 -8.22
N GLY A 100 -4.36 -19.74 -8.87
CA GLY A 100 -4.19 -19.52 -10.31
C GLY A 100 -3.13 -20.43 -10.87
N ILE A 101 -2.99 -20.42 -12.19
CA ILE A 101 -1.89 -21.18 -12.86
C ILE A 101 -1.12 -20.19 -13.73
N GLY A 102 0.03 -20.62 -14.21
CA GLY A 102 0.86 -19.74 -15.02
C GLY A 102 1.81 -20.42 -16.00
N PRO A 103 1.34 -21.46 -16.68
CA PRO A 103 2.27 -21.99 -17.70
C PRO A 103 2.49 -20.99 -18.86
N GLY A 104 3.65 -21.12 -19.51
CA GLY A 104 4.04 -20.26 -20.61
C GLY A 104 3.74 -20.80 -22.00
N ALA A 105 3.49 -19.87 -22.92
CA ALA A 105 3.39 -20.12 -24.33
C ALA A 105 3.38 -18.78 -25.07
N PHE A 106 4.16 -18.70 -26.16
CA PHE A 106 3.99 -17.58 -27.09
C PHE A 106 2.64 -17.71 -27.80
N ILE A 107 2.15 -16.60 -28.36
CA ILE A 107 0.90 -16.62 -29.11
C ILE A 107 0.86 -17.76 -30.14
N GLU A 108 1.94 -17.95 -30.89
CA GLU A 108 1.97 -18.98 -31.95
C GLU A 108 1.95 -20.42 -31.38
N GLU A 109 2.23 -20.58 -30.10
CA GLU A 109 2.21 -21.87 -29.43
C GLU A 109 0.93 -22.14 -28.62
N THR A 110 0.02 -21.17 -28.55
CA THR A 110 -1.13 -21.22 -27.66
C THR A 110 -2.31 -21.93 -28.31
N THR A 111 -2.72 -23.07 -27.74
CA THR A 111 -3.81 -23.86 -28.30
C THR A 111 -5.13 -23.33 -27.72
N GLU A 112 -6.25 -23.75 -28.32
CA GLU A 112 -7.55 -23.36 -27.78
C GLU A 112 -7.71 -23.85 -26.35
N GLN A 113 -7.42 -25.13 -26.10
N GLN A 113 -7.41 -25.13 -26.15
CA GLN A 113 -7.53 -25.70 -24.76
CA GLN A 113 -7.46 -25.76 -24.83
C GLN A 113 -6.67 -24.95 -23.72
C GLN A 113 -6.67 -24.99 -23.76
N PHE A 114 -5.44 -24.62 -24.10
CA PHE A 114 -4.54 -23.87 -23.24
C PHE A 114 -5.14 -22.50 -22.85
N PHE A 115 -5.67 -21.81 -23.85
CA PHE A 115 -6.25 -20.50 -23.65
C PHE A 115 -7.50 -20.57 -22.77
N ASP A 116 -8.40 -21.50 -23.09
CA ASP A 116 -9.64 -21.65 -22.33
C ASP A 116 -9.34 -22.01 -20.88
N ARG A 117 -8.36 -22.88 -20.65
CA ARG A 117 -8.02 -23.24 -19.26
C ARG A 117 -7.47 -22.05 -18.46
N VAL A 119 -8.13 -18.90 -18.93
CA VAL A 119 -9.26 -18.02 -18.59
C VAL A 119 -10.08 -18.61 -17.42
N SER A 120 -10.42 -19.90 -17.53
CA SER A 120 -11.27 -20.56 -16.54
C SER A 120 -10.71 -20.47 -15.15
N VAL A 121 -9.42 -20.69 -15.03
CA VAL A 121 -8.76 -20.71 -13.72
C VAL A 121 -8.39 -19.31 -13.19
N ASN A 122 -7.89 -18.44 -14.06
CA ASN A 122 -7.31 -17.16 -13.65
C ASN A 122 -8.27 -15.96 -13.66
N ALA A 123 -9.31 -15.99 -14.49
CA ALA A 123 -10.23 -14.85 -14.62
C ALA A 123 -11.66 -15.25 -14.25
N LYS A 124 -12.14 -16.36 -14.79
CA LYS A 124 -13.53 -16.77 -14.55
C LYS A 124 -13.76 -17.16 -13.07
N ALA A 125 -12.88 -18.00 -12.53
CA ALA A 125 -13.02 -18.47 -11.16
C ALA A 125 -13.00 -17.32 -10.13
N PRO A 126 -12.00 -16.42 -10.18
CA PRO A 126 -12.00 -15.29 -9.23
C PRO A 126 -13.23 -14.43 -9.35
N PHE A 127 -13.72 -14.27 -10.58
CA PHE A 127 -14.92 -13.51 -10.79
C PHE A 127 -16.12 -14.13 -10.07
N PHE A 128 -16.32 -15.44 -10.24
CA PHE A 128 -17.48 -16.09 -9.63
C PHE A 128 -17.28 -16.35 -8.12
N ILE A 129 -16.03 -16.47 -7.70
CA ILE A 129 -15.70 -16.52 -6.28
C ILE A 129 -16.13 -15.22 -5.58
N ILE A 130 -15.87 -14.08 -6.22
CA ILE A 130 -16.30 -12.78 -5.66
C ILE A 130 -17.81 -12.67 -5.67
N GLN A 131 -18.42 -13.01 -6.81
CA GLN A 131 -19.88 -13.02 -6.95
C GLN A 131 -20.57 -13.76 -5.81
N GLN A 132 -20.10 -14.98 -5.50
CA GLN A 132 -20.68 -15.75 -4.42
C GLN A 132 -20.28 -15.21 -3.04
N ALA A 133 -19.15 -14.52 -2.95
CA ALA A 133 -18.72 -13.94 -1.69
C ALA A 133 -19.61 -12.77 -1.25
N LEU A 134 -20.21 -12.04 -2.20
CA LEU A 134 -20.83 -10.76 -1.83
C LEU A 134 -21.95 -10.92 -0.79
N SER A 135 -22.69 -12.02 -0.83
CA SER A 135 -23.77 -12.23 0.14
C SER A 135 -23.22 -12.61 1.51
N ARG A 136 -21.94 -12.95 1.58
CA ARG A 136 -21.32 -13.44 2.81
C ARG A 136 -20.37 -12.42 3.44
N LEU A 137 -19.82 -11.52 2.64
CA LEU A 137 -18.93 -10.48 3.14
C LEU A 137 -19.66 -9.48 4.04
N ARG A 138 -19.07 -9.16 5.18
CA ARG A 138 -19.59 -8.12 6.05
C ARG A 138 -19.31 -6.76 5.44
N ASP A 139 -20.00 -5.75 5.91
CA ASP A 139 -19.62 -4.41 5.51
C ASP A 139 -18.19 -4.18 6.01
N ASN A 140 -17.47 -3.28 5.34
CA ASN A 140 -16.07 -2.98 5.70
C ASN A 140 -15.11 -4.14 5.51
N SER A 141 -15.48 -5.03 4.60
CA SER A 141 -14.61 -6.14 4.23
C SER A 141 -13.51 -5.75 3.23
N ARG A 142 -12.67 -6.73 2.87
CA ARG A 142 -11.51 -6.51 2.05
C ARG A 142 -11.43 -7.61 1.00
N ILE A 143 -11.30 -7.27 -0.27
CA ILE A 143 -11.04 -8.22 -1.34
C ILE A 143 -9.67 -7.86 -1.93
N ILE A 144 -8.80 -8.86 -2.02
CA ILE A 144 -7.45 -8.66 -2.54
C ILE A 144 -7.26 -9.73 -3.61
N ASN A 145 -6.99 -9.28 -4.83
CA ASN A 145 -6.78 -10.14 -5.99
C ASN A 145 -5.29 -10.20 -6.27
N ILE A 146 -4.73 -11.39 -6.43
CA ILE A 146 -3.30 -11.50 -6.73
C ILE A 146 -3.27 -11.49 -8.26
N SER A 147 -2.62 -10.46 -8.80
CA SER A 147 -2.46 -10.29 -10.22
C SER A 147 -1.01 -10.62 -10.56
N SER A 148 -0.38 -9.82 -11.41
CA SER A 148 1.03 -10.04 -11.82
C SER A 148 1.63 -8.76 -12.38
N ALA A 149 2.92 -8.54 -12.11
CA ALA A 149 3.66 -7.47 -12.77
C ALA A 149 3.74 -7.64 -14.29
N ALA A 150 3.36 -8.80 -14.79
CA ALA A 150 3.36 -9.08 -16.23
C ALA A 150 2.34 -8.23 -16.91
N THR A 151 1.45 -7.60 -16.15
CA THR A 151 0.50 -6.66 -16.75
C THR A 151 1.10 -5.28 -16.96
N ARG A 152 2.28 -5.05 -16.38
CA ARG A 152 3.01 -3.81 -16.55
C ARG A 152 4.29 -4.00 -17.39
N ILE A 153 4.88 -5.19 -17.31
CA ILE A 153 6.14 -5.55 -17.99
C ILE A 153 5.84 -6.63 -19.03
N SER A 154 6.17 -6.39 -20.29
CA SER A 154 5.72 -7.32 -21.35
C SER A 154 6.47 -8.62 -21.31
N LEU A 155 5.71 -9.72 -21.20
CA LEU A 155 6.26 -11.05 -21.28
C LEU A 155 5.52 -11.85 -22.38
N PRO A 156 5.95 -11.69 -23.63
CA PRO A 156 5.28 -12.39 -24.72
C PRO A 156 5.25 -13.87 -24.56
N ASP A 157 6.21 -14.43 -23.82
CA ASP A 157 6.25 -15.87 -23.63
C ASP A 157 5.22 -16.37 -22.63
N PHE A 158 4.46 -15.45 -22.00
CA PHE A 158 3.34 -15.75 -21.11
C PHE A 158 2.07 -15.00 -21.48
N ILE A 159 1.84 -14.85 -22.78
CA ILE A 159 0.82 -13.86 -23.23
C ILE A 159 -0.58 -14.18 -22.71
N ALA A 160 -1.04 -15.44 -22.84
CA ALA A 160 -2.41 -15.74 -22.30
C ALA A 160 -2.52 -15.49 -20.80
N TYR A 161 -1.51 -15.93 -20.05
CA TYR A 161 -1.40 -15.63 -18.63
C TYR A 161 -1.54 -14.12 -18.32
N SER A 162 -0.79 -13.29 -19.02
CA SER A 162 -0.81 -11.85 -18.81
C SER A 162 -2.22 -11.30 -19.05
N THR A 164 -5.14 -12.78 -18.84
CA THR A 164 -5.99 -13.15 -17.72
C THR A 164 -5.79 -12.24 -16.52
N LYS A 165 -4.55 -11.89 -16.22
CA LYS A 165 -4.25 -10.97 -15.13
C LYS A 165 -4.68 -9.54 -15.43
N GLY A 166 -4.66 -9.12 -16.70
CA GLY A 166 -5.19 -7.79 -17.06
C GLY A 166 -6.69 -7.69 -16.87
N ALA A 167 -7.37 -8.80 -17.16
CA ALA A 167 -8.81 -8.95 -16.87
C ALA A 167 -9.09 -8.79 -15.37
N ILE A 168 -8.22 -9.34 -14.54
CA ILE A 168 -8.34 -9.22 -13.06
C ILE A 168 -8.13 -7.77 -12.63
N ASN A 169 -7.11 -7.12 -13.23
CA ASN A 169 -6.86 -5.69 -12.94
C ASN A 169 -8.11 -4.83 -13.20
N THR A 170 -8.71 -5.01 -14.39
CA THR A 170 -9.91 -4.24 -14.75
C THR A 170 -11.07 -4.55 -13.84
N THR A 172 -10.90 -5.47 -10.75
CA THR A 172 -10.55 -4.86 -9.44
C THR A 172 -10.97 -3.38 -9.40
N PHE A 173 -10.48 -2.60 -10.35
CA PHE A 173 -10.82 -1.15 -10.39
C PHE A 173 -12.35 -0.91 -10.60
N THR A 174 -12.98 -1.71 -11.47
CA THR A 174 -14.42 -1.58 -11.73
C THR A 174 -15.30 -1.88 -10.51
N LEU A 175 -15.06 -3.02 -9.87
CA LEU A 175 -15.86 -3.44 -8.69
C LEU A 175 -15.69 -2.50 -7.46
N ALA A 176 -14.53 -1.89 -7.33
CA ALA A 176 -14.26 -1.00 -6.20
C ALA A 176 -15.29 0.11 -6.16
N LYS A 177 -15.67 0.60 -7.33
CA LYS A 177 -16.65 1.67 -7.32
C LYS A 177 -18.00 1.18 -6.79
N GLN A 178 -18.40 -0.01 -7.23
CA GLN A 178 -19.66 -0.57 -6.82
C GLN A 178 -19.65 -0.90 -5.34
N LEU A 179 -18.59 -1.53 -4.86
CA LEU A 179 -18.63 -2.06 -3.49
C LEU A 179 -18.36 -1.04 -2.36
N GLY A 180 -17.95 0.17 -2.73
CA GLY A 180 -17.67 1.19 -1.72
C GLY A 180 -18.89 1.57 -0.93
N ALA A 181 -20.06 1.37 -1.52
CA ALA A 181 -21.32 1.65 -0.83
C ALA A 181 -21.42 0.79 0.44
N ARG A 182 -20.75 -0.37 0.46
CA ARG A 182 -20.76 -1.23 1.65
C ARG A 182 -19.46 -1.13 2.48
N GLY A 183 -18.61 -0.16 2.16
CA GLY A 183 -17.34 0.02 2.83
C GLY A 183 -16.35 -1.07 2.46
N ILE A 184 -16.68 -1.86 1.45
CA ILE A 184 -15.77 -2.97 1.04
C ILE A 184 -14.73 -2.43 0.08
N THR A 185 -13.43 -2.74 0.30
CA THR A 185 -12.41 -2.28 -0.60
C THR A 185 -12.01 -3.46 -1.49
N VAL A 186 -11.51 -3.14 -2.69
CA VAL A 186 -11.10 -4.16 -3.69
C VAL A 186 -9.80 -3.68 -4.30
N ASN A 187 -8.71 -4.45 -4.14
CA ASN A 187 -7.41 -4.07 -4.61
C ASN A 187 -6.70 -5.28 -5.19
N ALA A 188 -5.65 -5.03 -5.94
CA ALA A 188 -4.85 -6.10 -6.49
C ALA A 188 -3.41 -5.95 -6.06
N ILE A 189 -2.71 -7.06 -5.90
CA ILE A 189 -1.26 -7.04 -5.68
C ILE A 189 -0.64 -7.63 -6.94
N LEU A 190 0.42 -6.99 -7.45
CA LEU A 190 1.08 -7.38 -8.68
C LEU A 190 2.51 -7.80 -8.33
N PRO A 191 2.73 -9.11 -8.10
CA PRO A 191 4.09 -9.54 -7.76
C PRO A 191 4.98 -9.58 -8.98
N GLY A 192 6.28 -9.44 -8.74
CA GLY A 192 7.27 -9.72 -9.76
C GLY A 192 7.67 -11.16 -9.60
N PHE A 193 8.94 -11.46 -9.90
CA PHE A 193 9.42 -12.80 -9.72
C PHE A 193 9.49 -13.10 -8.23
N VAL A 194 8.87 -14.20 -7.83
CA VAL A 194 8.97 -14.64 -6.43
C VAL A 194 9.48 -16.08 -6.33
N LYS A 195 10.44 -16.30 -5.45
CA LYS A 195 11.04 -17.63 -5.23
C LYS A 195 10.04 -18.57 -4.59
N THR A 196 9.67 -19.61 -5.29
CA THR A 196 8.92 -20.70 -4.69
C THR A 196 9.62 -22.00 -5.09
N ASP A 197 9.10 -23.13 -4.62
CA ASP A 197 9.48 -24.42 -5.20
C ASP A 197 8.90 -24.56 -6.62
N ASN A 199 8.30 -22.03 -8.89
CA ASN A 199 9.01 -21.20 -9.88
C ASN A 199 10.45 -21.65 -10.10
N ALA A 200 10.96 -22.54 -9.26
CA ALA A 200 12.40 -22.81 -9.16
C ALA A 200 13.03 -23.54 -10.37
N GLU A 201 12.24 -23.83 -11.41
CA GLU A 201 12.76 -24.43 -12.65
C GLU A 201 12.98 -23.36 -13.70
N LEU A 202 11.94 -22.57 -14.00
CA LEU A 202 12.10 -21.33 -14.75
C LEU A 202 13.31 -20.58 -14.20
N LEU A 203 13.48 -20.65 -12.87
CA LEU A 203 14.55 -19.95 -12.16
C LEU A 203 15.85 -20.77 -12.04
N SER A 204 15.89 -21.96 -12.62
CA SER A 204 17.08 -22.79 -12.52
C SER A 204 18.18 -22.29 -13.46
N ASP A 205 17.79 -21.88 -14.67
CA ASP A 205 18.74 -21.32 -15.62
C ASP A 205 19.41 -20.09 -15.00
N PRO A 206 20.74 -20.11 -14.83
CA PRO A 206 21.43 -18.97 -14.20
C PRO A 206 21.34 -17.65 -14.97
N LYS A 209 17.92 -16.46 -13.89
CA LYS A 209 18.12 -16.04 -12.51
C LYS A 209 18.68 -14.62 -12.45
N GLN A 210 19.75 -14.38 -13.22
CA GLN A 210 20.42 -13.08 -13.25
C GLN A 210 19.48 -11.97 -13.72
N TYR A 211 18.71 -12.25 -14.78
CA TYR A 211 17.67 -11.33 -15.27
C TYR A 211 16.63 -11.01 -14.18
N ALA A 212 16.11 -12.06 -13.56
CA ALA A 212 15.03 -11.92 -12.57
C ALA A 212 15.53 -11.26 -11.28
N THR A 213 16.80 -11.48 -10.94
CA THR A 213 17.44 -10.89 -9.76
C THR A 213 17.67 -9.39 -9.98
N THR A 214 18.41 -9.03 -11.02
CA THR A 214 18.78 -7.63 -11.21
C THR A 214 17.69 -6.74 -11.81
N ILE A 215 16.56 -7.30 -12.27
CA ILE A 215 15.40 -6.45 -12.71
C ILE A 215 14.81 -5.59 -11.56
N SER A 216 14.92 -6.12 -10.35
CA SER A 216 14.47 -5.43 -9.14
C SER A 216 15.43 -4.30 -8.77
N ALA A 217 14.91 -3.18 -8.29
CA ALA A 217 15.78 -2.10 -7.76
C ALA A 217 16.62 -2.53 -6.55
N PHE A 218 16.19 -3.59 -5.88
CA PHE A 218 16.88 -4.11 -4.71
C PHE A 218 17.84 -5.23 -5.06
N ASN A 219 17.88 -5.62 -6.33
CA ASN A 219 18.77 -6.67 -6.80
C ASN A 219 18.70 -7.98 -6.02
N ARG A 220 17.49 -8.46 -5.79
CA ARG A 220 17.28 -9.79 -5.20
C ARG A 220 15.95 -10.27 -5.73
N LEU A 221 15.75 -11.59 -5.71
CA LEU A 221 14.47 -12.20 -5.99
C LEU A 221 13.47 -11.85 -4.88
N GLY A 222 12.21 -11.76 -5.28
CA GLY A 222 11.10 -11.56 -4.33
C GLY A 222 10.98 -12.82 -3.50
N GLU A 223 10.44 -12.70 -2.29
CA GLU A 223 10.16 -13.86 -1.41
C GLU A 223 8.67 -13.84 -1.07
N VAL A 224 8.12 -14.99 -0.68
CA VAL A 224 6.67 -15.08 -0.45
C VAL A 224 6.25 -14.10 0.66
N GLU A 225 7.13 -13.89 1.65
CA GLU A 225 6.83 -12.96 2.75
C GLU A 225 6.70 -11.53 2.28
N ASP A 226 7.43 -11.17 1.22
CA ASP A 226 7.34 -9.81 0.68
C ASP A 226 5.92 -9.52 0.22
N ILE A 227 5.27 -10.53 -0.36
CA ILE A 227 3.92 -10.42 -0.88
C ILE A 227 2.93 -10.45 0.29
N ALA A 228 3.15 -11.38 1.23
CA ALA A 228 2.26 -11.58 2.36
C ALA A 228 2.23 -10.35 3.21
N ASP A 229 3.38 -9.69 3.37
CA ASP A 229 3.43 -8.48 4.20
C ASP A 229 2.67 -7.28 3.65
N THR A 230 2.55 -7.16 2.33
CA THR A 230 1.70 -6.13 1.74
C THR A 230 0.21 -6.53 1.80
N ALA A 231 -0.07 -7.79 1.54
CA ALA A 231 -1.44 -8.32 1.69
C ALA A 231 -1.96 -8.05 3.11
N ALA A 232 -1.09 -8.12 4.13
CA ALA A 232 -1.51 -7.88 5.54
C ALA A 232 -2.03 -6.46 5.73
N PHE A 233 -1.44 -5.49 5.03
CA PHE A 233 -1.87 -4.10 5.12
C PHE A 233 -3.26 -3.97 4.44
N LEU A 234 -3.35 -4.51 3.23
CA LEU A 234 -4.60 -4.44 2.45
C LEU A 234 -5.75 -5.17 3.12
N ALA A 235 -5.45 -6.19 3.91
CA ALA A 235 -6.49 -6.91 4.67
C ALA A 235 -6.92 -6.21 5.95
N SER A 236 -6.19 -5.19 6.38
CA SER A 236 -6.40 -4.56 7.68
C SER A 236 -7.33 -3.36 7.64
N PRO A 237 -7.88 -2.97 8.81
CA PRO A 237 -8.73 -1.76 8.84
C PRO A 237 -8.00 -0.48 8.44
N ASP A 238 -6.68 -0.41 8.65
CA ASP A 238 -5.88 0.75 8.27
C ASP A 238 -5.92 1.08 6.81
N SER A 239 -6.18 0.10 5.91
CA SER A 239 -6.18 0.38 4.47
C SER A 239 -7.54 0.87 3.95
N ARG A 240 -8.39 1.36 4.84
CA ARG A 240 -9.75 1.70 4.49
C ARG A 240 -9.92 2.73 3.38
N TRP A 241 -8.92 3.57 3.14
CA TRP A 241 -9.08 4.65 2.16
C TRP A 241 -8.38 4.35 0.83
N VAL A 242 -7.89 3.12 0.75
CA VAL A 242 -7.24 2.58 -0.44
C VAL A 242 -8.13 1.53 -1.08
N THR A 243 -8.67 1.87 -2.27
CA THR A 243 -9.50 0.96 -3.04
C THR A 243 -9.36 1.18 -4.53
N GLY A 244 -9.60 0.10 -5.29
CA GLY A 244 -9.43 0.06 -6.74
C GLY A 244 -8.01 0.18 -7.25
N GLN A 245 -7.03 -0.20 -6.44
N GLN A 245 -7.03 -0.08 -6.36
CA GLN A 245 -5.65 0.08 -6.78
CA GLN A 245 -5.58 0.06 -6.62
C GLN A 245 -4.86 -1.18 -7.12
C GLN A 245 -4.99 -1.21 -7.27
N LEU A 246 -3.93 -1.00 -8.05
CA LEU A 246 -3.05 -2.07 -8.54
C LEU A 246 -1.69 -1.81 -7.90
N ILE A 247 -1.39 -2.50 -6.82
CA ILE A 247 -0.19 -2.20 -6.02
C ILE A 247 0.92 -3.11 -6.48
N ASP A 248 2.00 -2.52 -7.00
CA ASP A 248 3.16 -3.29 -7.47
C ASP A 248 3.91 -3.75 -6.27
N VAL A 249 4.21 -5.05 -6.22
CA VAL A 249 4.99 -5.61 -5.12
C VAL A 249 6.04 -6.48 -5.78
N SER A 250 6.94 -5.81 -6.49
CA SER A 250 7.93 -6.43 -7.34
C SER A 250 9.34 -5.97 -6.98
N GLY A 251 9.49 -5.34 -5.81
CA GLY A 251 10.81 -4.82 -5.47
C GLY A 251 11.27 -3.81 -6.51
N GLY A 252 10.32 -3.02 -7.02
CA GLY A 252 10.59 -1.98 -8.00
C GLY A 252 11.21 -2.54 -9.26
N SER A 253 10.60 -3.58 -9.80
CA SER A 253 11.10 -4.23 -11.00
C SER A 253 10.78 -3.36 -12.22
N CYS A 254 11.79 -3.19 -13.07
CA CYS A 254 11.68 -2.43 -14.33
C CYS A 254 11.05 -1.04 -14.22
N LEU A 255 11.49 -0.27 -13.23
CA LEU A 255 10.96 1.07 -13.01
C LEU A 255 11.12 2.09 -14.17
N ALA B 1 -0.79 2.34 21.32
CA ALA B 1 0.68 2.47 21.06
C ALA B 1 1.25 1.08 20.84
N ASN B 2 2.18 0.95 19.91
CA ASN B 2 2.85 -0.31 19.63
C ASN B 2 4.34 -0.09 19.35
N SER B 3 5.04 -1.12 18.88
CA SER B 3 6.50 -1.07 18.72
C SER B 3 6.99 -1.41 17.30
N LEU B 5 7.80 0.47 14.96
CA LEU B 5 8.89 1.39 14.58
C LEU B 5 9.84 1.72 15.73
N LYS B 6 9.90 0.84 16.74
CA LYS B 6 10.76 1.04 17.90
C LYS B 6 12.18 1.16 17.40
N GLY B 7 12.93 2.13 17.90
CA GLY B 7 14.32 2.30 17.46
C GLY B 7 14.50 3.18 16.21
N LYS B 8 13.40 3.59 15.61
CA LYS B 8 13.44 4.35 14.37
C LYS B 8 13.23 5.84 14.66
N VAL B 9 13.79 6.66 13.78
CA VAL B 9 13.72 8.09 13.87
C VAL B 9 13.10 8.62 12.57
N ALA B 10 12.07 9.44 12.72
CA ALA B 10 11.33 10.00 11.61
C ALA B 10 11.37 11.54 11.61
N LEU B 11 11.48 12.11 10.42
CA LEU B 11 11.23 13.53 10.20
C LEU B 11 9.99 13.70 9.37
N VAL B 12 9.04 14.49 9.88
CA VAL B 12 7.86 14.84 9.17
C VAL B 12 7.81 16.35 8.94
N THR B 13 7.87 16.78 7.68
CA THR B 13 7.82 18.21 7.39
C THR B 13 6.36 18.70 7.46
N GLY B 14 6.16 19.91 7.91
CA GLY B 14 4.82 20.45 8.03
C GLY B 14 3.97 19.63 8.98
N ALA B 15 4.53 19.23 10.12
CA ALA B 15 3.72 18.43 11.08
C ALA B 15 2.98 19.25 12.16
N SER B 16 2.87 20.57 12.02
CA SER B 16 2.20 21.39 13.05
C SER B 16 0.68 21.25 13.01
N ARG B 17 0.16 20.87 11.85
CA ARG B 17 -1.29 20.76 11.66
C ARG B 17 -1.61 19.80 10.52
N GLY B 18 -2.90 19.48 10.36
CA GLY B 18 -3.36 18.73 9.19
C GLY B 18 -2.78 17.33 9.02
N ILE B 19 -2.53 16.96 7.77
CA ILE B 19 -2.07 15.62 7.48
C ILE B 19 -0.74 15.37 8.16
N GLY B 20 0.15 16.34 8.16
CA GLY B 20 1.50 16.08 8.72
C GLY B 20 1.41 15.79 10.22
N ARG B 21 0.53 16.51 10.91
CA ARG B 21 0.31 16.24 12.31
C ARG B 21 -0.19 14.82 12.55
N ALA B 22 -1.15 14.38 11.74
CA ALA B 22 -1.71 13.02 11.85
C ALA B 22 -0.67 11.95 11.61
N ILE B 23 0.12 12.17 10.58
CA ILE B 23 1.20 11.25 10.25
C ILE B 23 2.15 11.16 11.43
N ALA B 24 2.61 12.31 11.93
CA ALA B 24 3.53 12.34 13.05
C ALA B 24 2.97 11.60 14.27
N LYS B 25 1.72 11.86 14.65
CA LYS B 25 1.14 11.14 15.73
C LYS B 25 1.06 9.62 15.52
N ARG B 26 0.78 9.18 14.29
CA ARG B 26 0.69 7.76 14.00
C ARG B 26 2.08 7.10 14.09
N LEU B 27 3.09 7.74 13.51
CA LEU B 27 4.48 7.21 13.61
C LEU B 27 4.99 7.12 15.05
N ALA B 28 4.71 8.16 15.85
CA ALA B 28 5.10 8.15 17.27
C ALA B 28 4.35 7.08 18.04
N ASN B 29 3.06 6.93 17.75
CA ASN B 29 2.24 5.85 18.30
C ASN B 29 2.87 4.47 18.05
N ASP B 30 3.54 4.30 16.91
CA ASP B 30 4.16 3.00 16.55
C ASP B 30 5.59 2.90 17.05
N GLY B 31 6.00 3.86 17.90
CA GLY B 31 7.30 3.81 18.57
C GLY B 31 8.43 4.65 18.00
N ALA B 32 8.20 5.41 16.94
CA ALA B 32 9.30 6.21 16.36
C ALA B 32 9.55 7.47 17.17
N LEU B 33 10.80 7.89 17.25
CA LEU B 33 11.14 9.28 17.65
C LEU B 33 10.81 10.20 16.49
N VAL B 34 9.91 11.16 16.69
CA VAL B 34 9.50 11.97 15.56
C VAL B 34 9.94 13.46 15.67
N ALA B 35 10.67 13.93 14.66
CA ALA B 35 10.98 15.34 14.48
C ALA B 35 9.77 16.03 13.83
N ILE B 36 9.14 16.92 14.57
CA ILE B 36 7.99 17.70 14.09
C ILE B 36 8.51 19.02 13.50
N HIS B 37 8.67 19.06 12.17
CA HIS B 37 9.04 20.31 11.50
C HIS B 37 7.84 21.22 11.34
N TYR B 38 8.08 22.52 11.53
CA TYR B 38 7.09 23.58 11.22
C TYR B 38 7.74 24.70 10.42
N GLY B 39 6.96 25.34 9.56
CA GLY B 39 7.44 26.48 8.79
C GLY B 39 7.60 27.72 9.65
N ASN B 40 6.52 28.16 10.30
CA ASN B 40 6.60 29.26 11.25
C ASN B 40 5.66 29.15 12.46
N ARG B 41 4.70 28.22 12.48
CA ARG B 41 3.72 28.11 13.59
C ARG B 41 4.22 27.23 14.77
N LYS B 42 5.13 27.81 15.55
CA LYS B 42 5.88 27.08 16.57
C LYS B 42 4.98 26.50 17.66
N GLU B 43 3.95 27.24 18.04
CA GLU B 43 3.11 26.79 19.13
C GLU B 43 2.23 25.61 18.68
N GLU B 44 1.81 25.62 17.44
CA GLU B 44 1.09 24.46 16.88
C GLU B 44 1.97 23.24 16.81
N ALA B 45 3.22 23.43 16.42
CA ALA B 45 4.17 22.34 16.47
C ALA B 45 4.34 21.79 17.90
N GLU B 46 4.39 22.69 18.86
CA GLU B 46 4.58 22.31 20.25
C GLU B 46 3.39 21.54 20.74
N GLU B 47 2.20 21.87 20.24
CA GLU B 47 1.00 21.11 20.53
C GLU B 47 1.03 19.71 19.96
N THR B 48 1.51 19.55 18.74
CA THR B 48 1.65 18.23 18.16
C THR B 48 2.54 17.38 19.09
N VAL B 49 3.63 17.99 19.57
CA VAL B 49 4.58 17.32 20.45
C VAL B 49 3.90 16.94 21.75
N TYR B 50 3.21 17.91 22.33
CA TYR B 50 2.50 17.66 23.58
C TYR B 50 1.54 16.44 23.49
N GLU B 51 0.79 16.35 22.39
CA GLU B 51 -0.16 15.28 22.13
C GLU B 51 0.54 13.93 22.00
N ILE B 52 1.65 13.94 21.31
CA ILE B 52 2.45 12.73 21.15
C ILE B 52 2.92 12.25 22.54
N GLN B 53 3.45 13.16 23.32
CA GLN B 53 4.00 12.83 24.66
C GLN B 53 2.90 12.33 25.61
N SER B 54 1.71 12.92 25.49
CA SER B 54 0.54 12.52 26.28
C SER B 54 0.17 11.09 26.04
N ASN B 55 0.41 10.61 24.82
CA ASN B 55 0.11 9.26 24.50
C ASN B 55 1.35 8.35 24.52
N GLY B 56 2.35 8.75 25.31
CA GLY B 56 3.50 7.92 25.61
C GLY B 56 4.61 7.91 24.56
N GLY B 57 4.49 8.74 23.54
CA GLY B 57 5.54 8.82 22.50
C GLY B 57 6.62 9.87 22.74
N SER B 58 7.57 9.89 21.83
CA SER B 58 8.75 10.76 21.91
C SER B 58 8.78 11.63 20.64
N ALA B 59 8.90 12.94 20.84
CA ALA B 59 8.95 13.87 19.73
C ALA B 59 9.57 15.19 20.16
N PHE B 60 9.97 15.97 19.18
CA PHE B 60 10.46 17.35 19.41
C PHE B 60 10.15 18.21 18.19
N SER B 61 10.04 19.53 18.40
CA SER B 61 9.72 20.44 17.29
C SER B 61 10.94 21.29 16.86
N ILE B 62 11.08 21.47 15.55
CA ILE B 62 12.09 22.34 14.98
C ILE B 62 11.50 23.09 13.80
N GLY B 63 11.88 24.36 13.67
CA GLY B 63 11.37 25.19 12.59
C GLY B 63 12.35 25.35 11.44
N ALA B 64 11.80 25.60 10.27
CA ALA B 64 12.58 25.98 9.08
C ALA B 64 11.66 26.47 8.00
N ASN B 65 11.90 27.68 7.49
CA ASN B 65 11.06 28.16 6.38
C ASN B 65 11.55 27.57 5.07
N LEU B 66 10.79 26.70 4.41
CA LEU B 66 11.32 25.93 3.26
C LEU B 66 11.19 26.66 1.92
N GLU B 67 10.79 27.93 1.95
CA GLU B 67 10.66 28.74 0.75
C GLU B 67 11.99 29.09 0.10
N SER B 68 13.11 28.79 0.78
CA SER B 68 14.45 28.87 0.18
C SER B 68 15.34 27.71 0.62
N LEU B 69 16.43 27.46 -0.09
CA LEU B 69 17.32 26.39 0.33
C LEU B 69 18.08 26.72 1.60
N HIS B 70 18.19 28.00 1.95
CA HIS B 70 18.77 28.31 3.25
C HIS B 70 17.89 27.71 4.36
N GLY B 71 16.58 27.67 4.16
CA GLY B 71 15.66 26.89 5.02
C GLY B 71 15.90 25.39 5.13
N VAL B 72 16.24 24.77 4.01
CA VAL B 72 16.60 23.34 4.04
C VAL B 72 17.86 23.11 4.85
N GLU B 73 18.85 23.95 4.62
CA GLU B 73 20.08 23.85 5.35
C GLU B 73 19.84 24.01 6.86
N ALA B 74 18.98 24.97 7.21
CA ALA B 74 18.56 25.19 8.61
C ALA B 74 17.82 24.02 9.25
N LEU B 75 16.87 23.45 8.51
CA LEU B 75 16.23 22.22 8.91
C LEU B 75 17.26 21.19 9.40
N TYR B 76 18.26 20.91 8.56
CA TYR B 76 19.22 19.87 8.88
C TYR B 76 20.23 20.22 9.96
N SER B 77 20.53 21.51 10.09
CA SER B 77 21.36 22.00 11.19
C SER B 77 20.67 21.74 12.53
N SER B 78 19.39 22.08 12.64
CA SER B 78 18.61 21.80 13.85
C SER B 78 18.34 20.31 14.10
N LEU B 79 17.92 19.58 13.06
CA LEU B 79 17.74 18.15 13.17
C LEU B 79 19.03 17.49 13.70
N ASP B 80 20.17 17.83 13.10
CA ASP B 80 21.48 17.28 13.52
C ASP B 80 21.72 17.57 15.00
N ASN B 81 21.49 18.81 15.42
CA ASN B 81 21.75 19.19 16.82
C ASN B 81 20.89 18.38 17.78
N GLU B 82 19.59 18.31 17.49
CA GLU B 82 18.66 17.60 18.36
C GLU B 82 18.88 16.08 18.39
N LEU B 83 19.10 15.48 17.20
CA LEU B 83 19.31 14.03 17.12
C LEU B 83 20.67 13.68 17.78
N GLN B 84 21.68 14.49 17.54
CA GLN B 84 22.97 14.24 18.19
C GLN B 84 22.81 14.20 19.71
N ASN B 85 22.05 15.17 20.24
CA ASN B 85 21.82 15.25 21.68
C ASN B 85 21.05 14.08 22.25
N ARG B 86 20.04 13.64 21.50
CA ARG B 86 19.10 12.61 21.92
C ARG B 86 19.55 11.19 21.62
N THR B 87 20.35 10.99 20.59
CA THR B 87 20.67 9.64 20.12
C THR B 87 22.16 9.34 19.94
N GLY B 88 23.01 10.37 19.99
CA GLY B 88 24.44 10.18 19.68
C GLY B 88 24.84 10.20 18.21
N SER B 89 23.89 10.35 17.29
CA SER B 89 24.21 10.48 15.88
C SER B 89 23.17 11.38 15.18
N THR B 90 23.44 11.69 13.93
CA THR B 90 22.58 12.52 13.12
C THR B 90 21.84 11.65 12.11
N LYS B 91 21.88 10.32 12.27
CA LYS B 91 21.19 9.39 11.38
C LYS B 91 19.68 9.30 11.67
N PHE B 92 18.90 9.05 10.62
CA PHE B 92 17.47 8.71 10.77
C PHE B 92 16.95 7.73 9.72
N ASP B 93 15.65 7.38 9.80
CA ASP B 93 15.13 6.18 9.11
C ASP B 93 13.96 6.40 8.17
N ILE B 94 13.20 7.46 8.43
CA ILE B 94 11.93 7.72 7.78
C ILE B 94 11.84 9.22 7.50
N LEU B 95 11.60 9.59 6.26
CA LEU B 95 11.42 11.00 5.84
C LEU B 95 10.06 11.14 5.19
N ILE B 96 9.21 12.00 5.74
CA ILE B 96 7.91 12.30 5.18
C ILE B 96 7.95 13.75 4.64
N ASN B 97 7.95 13.86 3.30
CA ASN B 97 7.83 15.17 2.63
C ASN B 97 6.36 15.52 2.54
N ASN B 98 5.87 16.23 3.53
CA ASN B 98 4.45 16.58 3.60
C ASN B 98 4.20 18.07 3.42
N ALA B 99 5.13 18.89 3.89
CA ALA B 99 4.88 20.34 3.95
C ALA B 99 4.64 20.86 2.53
N GLY B 100 3.67 21.75 2.40
CA GLY B 100 3.34 22.25 1.09
C GLY B 100 2.32 23.35 1.13
N ILE B 101 2.12 23.96 -0.03
CA ILE B 101 1.06 24.96 -0.15
C ILE B 101 0.16 24.54 -1.31
N GLY B 102 -1.04 25.10 -1.36
CA GLY B 102 -1.92 24.75 -2.46
C GLY B 102 -2.96 25.78 -2.89
N PRO B 103 -2.57 27.06 -3.07
CA PRO B 103 -3.57 28.06 -3.48
C PRO B 103 -3.99 27.85 -4.92
N GLY B 104 -5.20 28.25 -5.26
CA GLY B 104 -5.67 28.03 -6.61
C GLY B 104 -5.44 29.19 -7.59
N ALA B 105 -5.34 28.83 -8.85
CA ALA B 105 -5.37 29.74 -9.98
C ALA B 105 -5.55 28.96 -11.28
N PHE B 106 -6.42 29.44 -12.17
CA PHE B 106 -6.41 28.95 -13.55
C PHE B 106 -5.12 29.46 -14.22
N ILE B 107 -4.76 28.82 -15.32
CA ILE B 107 -3.59 29.23 -16.05
C ILE B 107 -3.61 30.73 -16.37
N GLU B 108 -4.77 31.29 -16.75
CA GLU B 108 -4.81 32.69 -17.14
C GLU B 108 -4.60 33.67 -15.99
N GLU B 109 -4.78 33.18 -14.78
CA GLU B 109 -4.67 33.94 -13.53
C GLU B 109 -3.32 33.70 -12.83
N THR B 110 -2.48 32.83 -13.38
CA THR B 110 -1.24 32.46 -12.69
C THR B 110 -0.11 33.43 -13.05
N THR B 111 0.43 34.13 -12.07
CA THR B 111 1.55 35.05 -12.28
C THR B 111 2.87 34.29 -12.17
N GLU B 112 3.95 34.90 -12.68
CA GLU B 112 5.30 34.35 -12.50
C GLU B 112 5.62 34.12 -11.02
N GLN B 113 5.32 35.11 -10.20
CA GLN B 113 5.59 35.02 -8.77
C GLN B 113 4.88 33.84 -8.13
N PHE B 114 3.61 33.65 -8.50
CA PHE B 114 2.78 32.56 -7.96
C PHE B 114 3.38 31.19 -8.36
N PHE B 115 3.69 31.09 -9.64
CA PHE B 115 4.26 29.89 -10.20
C PHE B 115 5.56 29.54 -9.48
N ASP B 116 6.46 30.51 -9.39
CA ASP B 116 7.79 30.29 -8.78
C ASP B 116 7.66 29.84 -7.33
N ARG B 117 6.71 30.40 -6.60
CA ARG B 117 6.56 30.06 -5.19
C ARG B 117 6.05 28.61 -5.06
N VAL B 119 6.54 26.11 -7.12
CA VAL B 119 7.68 25.25 -7.40
C VAL B 119 8.65 25.24 -6.21
N SER B 120 9.03 26.41 -5.69
CA SER B 120 10.01 26.48 -4.57
C SER B 120 9.60 25.63 -3.36
N VAL B 121 8.34 25.76 -2.94
CA VAL B 121 7.83 25.04 -1.79
C VAL B 121 7.47 23.58 -2.04
N ASN B 122 6.79 23.29 -3.14
CA ASN B 122 6.22 21.96 -3.37
C ASN B 122 7.09 20.99 -4.17
N ALA B 123 8.06 21.50 -4.92
CA ALA B 123 8.88 20.61 -5.78
C ALA B 123 10.37 20.71 -5.47
N LYS B 124 10.88 21.93 -5.41
CA LYS B 124 12.27 22.20 -5.14
C LYS B 124 12.65 21.80 -3.72
N ALA B 125 11.88 22.26 -2.73
CA ALA B 125 12.20 21.96 -1.36
C ALA B 125 12.22 20.44 -1.09
N PRO B 126 11.18 19.69 -1.49
CA PRO B 126 11.28 18.23 -1.27
C PRO B 126 12.50 17.55 -1.94
N PHE B 127 12.85 18.00 -3.14
CA PHE B 127 14.03 17.48 -3.85
C PHE B 127 15.32 17.73 -3.02
N PHE B 128 15.50 18.97 -2.58
CA PHE B 128 16.67 19.32 -1.78
C PHE B 128 16.68 18.77 -0.36
N ILE B 129 15.51 18.55 0.19
CA ILE B 129 15.36 17.84 1.48
C ILE B 129 15.82 16.39 1.34
N ILE B 130 15.42 15.74 0.26
CA ILE B 130 15.89 14.41 -0.03
C ILE B 130 17.39 14.41 -0.28
N GLN B 131 17.87 15.36 -1.09
CA GLN B 131 19.32 15.43 -1.38
C GLN B 131 20.18 15.41 -0.07
N GLN B 132 19.77 16.22 0.90
CA GLN B 132 20.46 16.36 2.16
C GLN B 132 20.20 15.20 3.11
N ALA B 133 19.05 14.54 2.99
CA ALA B 133 18.78 13.34 3.76
C ALA B 133 19.68 12.19 3.38
N LEU B 134 20.19 12.14 2.15
CA LEU B 134 20.91 10.95 1.73
C LEU B 134 22.13 10.62 2.60
N SER B 135 22.80 11.64 3.13
CA SER B 135 23.99 11.42 3.95
C SER B 135 23.64 10.99 5.37
N ARG B 136 22.37 11.15 5.72
CA ARG B 136 21.83 10.91 7.06
C ARG B 136 20.96 9.66 7.19
N LEU B 137 20.37 9.20 6.09
CA LEU B 137 19.49 8.04 6.15
C LEU B 137 20.28 6.75 6.27
N ARG B 138 19.80 5.86 7.10
CA ARG B 138 20.38 4.52 7.17
C ARG B 138 19.92 3.69 5.96
N ASP B 139 20.64 2.62 5.70
CA ASP B 139 20.14 1.58 4.79
C ASP B 139 18.75 1.16 5.28
N ASN B 140 17.91 0.75 4.32
CA ASN B 140 16.58 0.21 4.56
C ASN B 140 15.62 1.26 5.11
N SER B 141 15.92 2.52 4.85
CA SER B 141 15.06 3.65 5.22
C SER B 141 13.86 3.80 4.28
N ARG B 142 13.03 4.80 4.58
CA ARG B 142 11.77 5.02 3.90
C ARG B 142 11.59 6.50 3.62
N ILE B 143 11.28 6.79 2.37
CA ILE B 143 10.95 8.15 1.91
C ILE B 143 9.53 8.09 1.39
N ILE B 144 8.66 8.95 1.94
CA ILE B 144 7.30 9.03 1.53
C ILE B 144 7.01 10.51 1.18
N ASN B 145 6.54 10.76 -0.04
CA ASN B 145 6.23 12.11 -0.51
C ASN B 145 4.72 12.23 -0.57
N ILE B 146 4.14 13.30 -0.01
CA ILE B 146 2.71 13.51 -0.13
C ILE B 146 2.49 14.31 -1.41
N SER B 147 1.79 13.70 -2.37
CA SER B 147 1.46 14.27 -3.66
C SER B 147 0.01 14.69 -3.64
N SER B 148 -0.75 14.41 -4.70
CA SER B 148 -2.19 14.76 -4.75
C SER B 148 -2.88 13.95 -5.84
N ALA B 149 -4.10 13.55 -5.59
CA ALA B 149 -4.90 12.93 -6.63
C ALA B 149 -5.20 13.90 -7.77
N ALA B 150 -4.89 15.19 -7.60
CA ALA B 150 -4.98 16.15 -8.72
C ALA B 150 -4.04 15.80 -9.85
N THR B 151 -3.08 14.90 -9.62
CA THR B 151 -2.23 14.38 -10.69
C THR B 151 -2.92 13.29 -11.56
N ARG B 152 -4.11 12.88 -11.14
CA ARG B 152 -4.90 11.83 -11.78
C ARG B 152 -6.28 12.37 -12.19
N ILE B 153 -6.76 13.37 -11.47
CA ILE B 153 -8.07 13.99 -11.71
C ILE B 153 -7.89 15.47 -12.10
N SER B 154 -8.39 15.88 -13.26
CA SER B 154 -8.05 17.22 -13.76
C SER B 154 -8.70 18.33 -12.97
N LEU B 155 -7.87 19.22 -12.42
CA LEU B 155 -8.38 20.37 -11.69
C LEU B 155 -7.72 21.61 -12.26
N PRO B 156 -8.23 22.12 -13.38
CA PRO B 156 -7.65 23.29 -14.03
C PRO B 156 -7.57 24.54 -13.15
N ASP B 157 -8.48 24.65 -12.18
CA ASP B 157 -8.41 25.77 -11.23
C ASP B 157 -7.25 25.66 -10.23
N PHE B 158 -6.49 24.57 -10.29
CA PHE B 158 -5.25 24.37 -9.50
C PHE B 158 -4.09 23.94 -10.35
N ILE B 159 -4.00 24.48 -11.55
CA ILE B 159 -3.03 23.90 -12.50
C ILE B 159 -1.56 23.93 -12.02
N ALA B 160 -1.07 25.08 -11.53
CA ALA B 160 0.35 25.13 -11.03
C ALA B 160 0.61 24.13 -9.91
N TYR B 161 -0.33 24.07 -8.96
CA TYR B 161 -0.27 23.08 -7.86
C TYR B 161 -0.17 21.65 -8.37
N SER B 162 -1.08 21.28 -9.29
CA SER B 162 -1.05 19.95 -9.94
C SER B 162 0.29 19.67 -10.62
N THR B 164 3.25 20.88 -9.88
CA THR B 164 4.31 20.62 -8.87
C THR B 164 4.19 19.20 -8.31
N LYS B 165 2.96 18.74 -8.11
CA LYS B 165 2.74 17.38 -7.64
C LYS B 165 3.03 16.34 -8.70
N GLY B 166 2.81 16.66 -9.98
CA GLY B 166 3.32 15.79 -11.08
C GLY B 166 4.83 15.61 -11.06
N ALA B 167 5.54 16.69 -10.75
CA ALA B 167 6.99 16.62 -10.61
C ALA B 167 7.43 15.72 -9.45
N ILE B 168 6.72 15.82 -8.35
CA ILE B 168 6.91 14.93 -7.19
C ILE B 168 6.68 13.46 -7.57
N ASN B 169 5.62 13.15 -8.29
CA ASN B 169 5.37 11.77 -8.74
C ASN B 169 6.53 11.22 -9.56
N THR B 170 7.00 11.99 -10.56
CA THR B 170 8.12 11.54 -11.41
C THR B 170 9.37 11.41 -10.57
N THR B 172 9.62 10.58 -7.44
CA THR B 172 9.42 9.35 -6.63
C THR B 172 9.79 8.10 -7.36
N PHE B 173 9.19 7.97 -8.53
CA PHE B 173 9.37 6.75 -9.36
C PHE B 173 10.83 6.67 -9.85
N THR B 174 11.40 7.83 -10.15
CA THR B 174 12.78 7.89 -10.68
C THR B 174 13.78 7.56 -9.57
N LEU B 175 13.66 8.19 -8.42
CA LEU B 175 14.64 7.96 -7.33
C LEU B 175 14.59 6.57 -6.79
N ALA B 176 13.41 5.96 -6.83
CA ALA B 176 13.24 4.60 -6.31
C ALA B 176 14.23 3.63 -6.92
N LYS B 177 14.47 3.82 -8.21
CA LYS B 177 15.41 2.94 -8.88
C LYS B 177 16.84 3.11 -8.33
N GLN B 178 17.27 4.35 -8.07
CA GLN B 178 18.66 4.53 -7.54
C GLN B 178 18.79 4.07 -6.08
N LEU B 179 17.86 4.50 -5.25
CA LEU B 179 17.95 4.27 -3.80
C LEU B 179 17.61 2.84 -3.34
N GLY B 180 17.07 2.02 -4.22
CA GLY B 180 16.81 0.63 -3.93
C GLY B 180 18.09 -0.14 -3.66
N ALA B 181 19.20 0.30 -4.22
CA ALA B 181 20.52 -0.29 -3.97
C ALA B 181 20.95 -0.28 -2.48
N ARG B 182 20.44 0.69 -1.73
CA ARG B 182 20.66 0.84 -0.29
C ARG B 182 19.45 0.31 0.51
N GLY B 183 18.46 -0.29 -0.16
CA GLY B 183 17.32 -0.84 0.50
C GLY B 183 16.29 0.24 0.83
N ILE B 184 16.49 1.45 0.33
CA ILE B 184 15.61 2.59 0.73
C ILE B 184 14.48 2.60 -0.25
N THR B 185 13.22 2.62 0.24
CA THR B 185 12.08 2.70 -0.64
C THR B 185 11.67 4.17 -0.73
N VAL B 186 11.04 4.48 -1.84
CA VAL B 186 10.53 5.82 -2.18
C VAL B 186 9.18 5.71 -2.82
N ASN B 187 8.18 6.21 -2.13
CA ASN B 187 6.78 6.13 -2.57
C ASN B 187 6.08 7.43 -2.37
N ALA B 188 4.93 7.57 -3.01
CA ALA B 188 4.10 8.76 -2.82
C ALA B 188 2.72 8.36 -2.45
N ILE B 189 2.09 9.19 -1.64
CA ILE B 189 0.68 9.07 -1.31
C ILE B 189 -0.07 10.23 -2.01
N LEU B 190 -1.12 9.89 -2.71
CA LEU B 190 -1.95 10.88 -3.46
C LEU B 190 -3.31 11.00 -2.80
N PRO B 191 -3.44 11.97 -1.87
CA PRO B 191 -4.72 12.10 -1.21
C PRO B 191 -5.79 12.71 -2.10
N GLY B 192 -7.04 12.40 -1.81
CA GLY B 192 -8.11 13.15 -2.37
C GLY B 192 -8.37 14.33 -1.48
N PHE B 193 -9.61 14.79 -1.48
CA PHE B 193 -9.99 15.80 -0.51
C PHE B 193 -9.94 15.27 0.92
N VAL B 194 -9.32 16.05 1.78
CA VAL B 194 -9.19 15.69 3.19
C VAL B 194 -9.50 16.92 4.04
N LYS B 195 -10.38 16.77 5.02
CA LYS B 195 -10.77 17.90 5.84
C LYS B 195 -9.57 18.45 6.64
N THR B 196 -8.99 19.55 6.13
CA THR B 196 -7.86 20.31 6.74
C THR B 196 -8.03 21.75 6.34
N ASP B 197 -7.12 22.61 6.79
CA ASP B 197 -7.33 24.02 6.54
C ASP B 197 -6.56 24.57 5.33
N ASN B 199 -7.94 23.46 2.71
CA ASN B 199 -9.22 23.54 1.97
C ASN B 199 -10.47 23.92 2.80
N ALA B 200 -10.28 24.45 4.00
CA ALA B 200 -11.37 24.87 4.89
C ALA B 200 -12.34 25.86 4.21
N GLU B 201 -11.78 26.85 3.50
CA GLU B 201 -12.61 27.88 2.86
C GLU B 201 -13.20 27.35 1.54
N LEU B 202 -12.41 26.58 0.79
CA LEU B 202 -12.88 25.99 -0.45
C LEU B 202 -14.07 25.08 -0.18
N LEU B 203 -13.97 24.25 0.86
CA LEU B 203 -15.07 23.32 1.20
C LEU B 203 -16.24 24.01 1.90
N SER B 204 -16.06 25.23 2.37
CA SER B 204 -17.16 25.96 3.04
C SER B 204 -18.36 26.22 2.08
N ASP B 205 -18.10 26.22 0.78
CA ASP B 205 -19.13 26.33 -0.26
C ASP B 205 -19.84 24.96 -0.43
N PRO B 206 -21.15 24.90 -0.15
CA PRO B 206 -21.88 23.60 -0.17
C PRO B 206 -21.85 22.83 -1.51
N LYS B 209 -18.45 21.16 -1.58
CA LYS B 209 -18.50 20.05 -0.65
C LYS B 209 -19.14 18.84 -1.29
N GLN B 210 -20.33 19.03 -1.85
CA GLN B 210 -21.10 17.94 -2.46
C GLN B 210 -20.24 17.25 -3.50
N TYR B 211 -19.63 18.04 -4.37
CA TYR B 211 -18.68 17.48 -5.35
C TYR B 211 -17.56 16.68 -4.66
N ALA B 212 -16.97 17.28 -3.62
CA ALA B 212 -15.84 16.67 -2.89
C ALA B 212 -16.26 15.38 -2.19
N THR B 213 -17.47 15.35 -1.65
CA THR B 213 -17.98 14.17 -0.96
C THR B 213 -18.34 13.02 -1.94
N THR B 214 -19.12 13.34 -2.96
CA THR B 214 -19.73 12.29 -3.83
C THR B 214 -18.77 11.65 -4.84
N ILE B 215 -17.63 12.29 -5.09
CA ILE B 215 -16.65 11.70 -6.02
C ILE B 215 -15.99 10.44 -5.45
N SER B 216 -15.95 10.31 -4.12
CA SER B 216 -15.41 9.12 -3.46
C SER B 216 -16.35 7.92 -3.61
N ALA B 217 -15.81 6.72 -3.84
CA ALA B 217 -16.64 5.52 -3.85
C ALA B 217 -17.37 5.31 -2.51
N PHE B 218 -16.85 5.91 -1.44
CA PHE B 218 -17.45 5.78 -0.11
C PHE B 218 -18.38 6.90 0.31
N ASN B 219 -18.58 7.89 -0.55
CA ASN B 219 -19.50 9.02 -0.30
C ASN B 219 -19.20 9.74 1.02
N ARG B 220 -17.93 9.93 1.33
CA ARG B 220 -17.53 10.83 2.41
C ARG B 220 -16.23 11.57 2.08
N LEU B 221 -16.00 12.70 2.77
CA LEU B 221 -14.67 13.31 2.74
C LEU B 221 -13.62 12.41 3.46
N GLY B 222 -12.38 12.53 3.01
CA GLY B 222 -11.26 11.88 3.67
C GLY B 222 -10.95 12.62 4.96
N GLU B 223 -10.34 11.88 5.89
CA GLU B 223 -9.88 12.41 7.16
C GLU B 223 -8.37 12.26 7.23
N VAL B 224 -7.74 13.10 8.03
CA VAL B 224 -6.28 13.01 8.17
C VAL B 224 -5.79 11.61 8.58
N GLU B 225 -6.58 10.93 9.41
CA GLU B 225 -6.23 9.54 9.85
C GLU B 225 -6.14 8.57 8.70
N ASP B 226 -6.97 8.76 7.67
CA ASP B 226 -6.95 7.90 6.48
C ASP B 226 -5.60 7.96 5.77
N ILE B 227 -5.00 9.14 5.75
CA ILE B 227 -3.69 9.31 5.11
C ILE B 227 -2.60 8.73 6.02
N ALA B 228 -2.66 9.06 7.30
CA ALA B 228 -1.67 8.63 8.27
C ALA B 228 -1.57 7.11 8.36
N ASP B 229 -2.72 6.45 8.25
CA ASP B 229 -2.76 4.99 8.37
C ASP B 229 -2.10 4.28 7.19
N THR B 230 -2.19 4.85 5.99
CA THR B 230 -1.40 4.39 4.85
C THR B 230 0.10 4.74 4.95
N ALA B 231 0.42 5.95 5.37
CA ALA B 231 1.81 6.32 5.66
C ALA B 231 2.48 5.37 6.67
N ALA B 232 1.74 4.91 7.70
CA ALA B 232 2.33 3.99 8.67
C ALA B 232 2.81 2.69 8.03
N PHE B 233 2.05 2.18 7.07
CA PHE B 233 2.47 0.99 6.32
C PHE B 233 3.72 1.26 5.50
N LEU B 234 3.70 2.34 4.73
CA LEU B 234 4.86 2.69 3.89
C LEU B 234 6.12 2.97 4.75
N ALA B 235 5.96 3.50 5.95
CA ALA B 235 7.08 3.72 6.88
C ALA B 235 7.64 2.46 7.53
N SER B 236 6.90 1.36 7.46
CA SER B 236 7.20 0.14 8.20
C SER B 236 8.04 -0.86 7.44
N PRO B 237 8.68 -1.82 8.17
CA PRO B 237 9.42 -2.88 7.47
C PRO B 237 8.57 -3.76 6.55
N ASP B 238 7.28 -3.93 6.86
CA ASP B 238 6.30 -4.66 6.03
C ASP B 238 6.21 -4.23 4.55
N SER B 239 6.57 -2.97 4.24
CA SER B 239 6.44 -2.45 2.91
C SER B 239 7.74 -2.50 2.07
N ARG B 240 8.68 -3.35 2.49
N ARG B 240 8.68 -3.34 2.48
CA ARG B 240 9.99 -3.40 1.86
CA ARG B 240 10.00 -3.36 1.86
C ARG B 240 9.99 -3.68 0.36
C ARG B 240 10.00 -3.68 0.35
N TRP B 241 8.93 -4.31 -0.16
CA TRP B 241 8.91 -4.71 -1.58
C TRP B 241 8.06 -3.77 -2.44
N VAL B 242 7.57 -2.69 -1.83
CA VAL B 242 6.81 -1.66 -2.51
C VAL B 242 7.70 -0.43 -2.59
N THR B 243 8.11 -0.11 -3.82
CA THR B 243 8.84 1.12 -4.05
C THR B 243 8.46 1.71 -5.40
N GLY B 244 8.62 3.02 -5.52
CA GLY B 244 8.38 3.74 -6.78
C GLY B 244 6.92 3.92 -7.11
N GLN B 245 6.06 3.71 -6.13
N GLN B 245 6.06 3.64 -6.13
CA GLN B 245 4.64 3.63 -6.39
CA GLN B 245 4.61 3.57 -6.29
C GLN B 245 3.90 4.87 -5.95
C GLN B 245 3.95 4.92 -6.01
N LEU B 246 2.82 5.16 -6.68
CA LEU B 246 1.98 6.36 -6.42
C LEU B 246 0.71 5.78 -5.92
N ILE B 247 0.51 5.81 -4.60
CA ILE B 247 -0.59 5.11 -3.95
C ILE B 247 -1.73 6.08 -3.78
N ASP B 248 -2.85 5.79 -4.41
CA ASP B 248 -4.03 6.64 -4.23
C ASP B 248 -4.67 6.38 -2.86
N VAL B 249 -4.85 7.46 -2.12
CA VAL B 249 -5.53 7.44 -0.84
C VAL B 249 -6.58 8.52 -0.91
N SER B 250 -7.56 8.27 -1.79
CA SER B 250 -8.68 9.17 -2.08
C SER B 250 -10.05 8.55 -1.81
N GLY B 251 -10.08 7.34 -1.23
CA GLY B 251 -11.36 6.64 -1.04
C GLY B 251 -12.03 6.33 -2.37
N GLY B 252 -11.22 5.84 -3.32
CA GLY B 252 -11.71 5.56 -4.68
C GLY B 252 -12.41 6.73 -5.35
N SER B 253 -11.78 7.89 -5.30
CA SER B 253 -12.35 9.09 -5.91
C SER B 253 -12.20 8.95 -7.42
N CYS B 254 -13.27 9.20 -8.17
CA CYS B 254 -13.21 9.21 -9.65
C CYS B 254 -12.66 7.95 -10.29
N LEU B 255 -13.11 6.79 -9.84
CA LEU B 255 -12.60 5.52 -10.41
C LEU B 255 -12.97 5.32 -11.93
#